data_7QJK
#
_entry.id   7QJK
#
_cell.length_a   76.548
_cell.length_b   76.548
_cell.length_c   238.018
_cell.angle_alpha   90.000
_cell.angle_beta   90.000
_cell.angle_gamma   90.000
#
_symmetry.space_group_name_H-M   'P 41 21 2'
#
loop_
_entity.id
_entity.type
_entity.pdbx_description
1 polymer "Retinal rod rhodopsin-sensitive cGMP 3',5'-cyclic phosphodiesterase subunit delta"
2 non-polymer 1,2-ETHANEDIOL
3 non-polymer N-(phenylmethyl)pyridin-2-amine
4 non-polymer 'SULFATE ION'
5 water water
#
_entity_poly.entity_id   1
_entity_poly.type   'polypeptide(L)'
_entity_poly.pdbx_seq_one_letter_code
;AMSAKDERAREILRGFKLNWMNLRDAETGKILWQGTEDLSVPGVEHEARVPKKILKCKAVSRELNFSSTEQMEKFRLEQK
VYFKGQCLEEWFFEFGFVIPNSTNTWQSLIEAAPESQMMPASVLTGNVIIETKFFDDDLLVSTSRVRLFYV
;
_entity_poly.pdbx_strand_id   BBB,AAA,CCC,DDD
#
loop_
_chem_comp.id
_chem_comp.type
_chem_comp.name
_chem_comp.formula
9VO non-polymer N-(phenylmethyl)pyridin-2-amine 'C12 H12 N2'
EDO non-polymer 1,2-ETHANEDIOL 'C2 H6 O2'
SO4 non-polymer 'SULFATE ION' 'O4 S -2'
#
# COMPACT_ATOMS: atom_id res chain seq x y z
N ALA A 1 -9.00 -24.71 11.20
CA ALA A 1 -7.90 -25.25 10.34
C ALA A 1 -6.77 -24.21 10.25
N MET A 2 -6.05 -23.99 11.35
CA MET A 2 -5.07 -22.88 11.51
C MET A 2 -3.67 -23.42 11.82
N SER A 3 -2.65 -22.73 11.32
CA SER A 3 -1.21 -23.13 11.37
C SER A 3 -0.71 -23.15 12.81
N ALA A 4 0.51 -23.68 13.00
CA ALA A 4 1.26 -23.65 14.28
C ALA A 4 1.59 -22.20 14.66
N LYS A 5 2.15 -21.44 13.72
CA LYS A 5 2.50 -20.01 13.87
C LYS A 5 1.22 -19.18 14.02
N ASP A 6 0.16 -19.55 13.30
CA ASP A 6 -1.17 -18.89 13.36
C ASP A 6 -1.71 -19.00 14.80
N GLU A 7 -1.53 -20.16 15.44
CA GLU A 7 -2.05 -20.44 16.80
C GLU A 7 -1.23 -19.67 17.83
N ARG A 8 0.09 -19.60 17.64
CA ARG A 8 1.02 -18.86 18.56
C ARG A 8 0.68 -17.38 18.51
N ALA A 9 0.38 -16.86 17.33
CA ALA A 9 -0.06 -15.45 17.08
C ALA A 9 -1.39 -15.22 17.81
N ARG A 10 -2.36 -16.13 17.63
CA ARG A 10 -3.70 -16.06 18.25
C ARG A 10 -3.53 -15.97 19.78
N GLU A 11 -2.71 -16.84 20.36
CA GLU A 11 -2.48 -16.94 21.83
C GLU A 11 -1.91 -15.62 22.35
N ILE A 12 -0.77 -15.19 21.80
CA ILE A 12 0.00 -13.99 22.24
C ILE A 12 -0.94 -12.79 22.29
N LEU A 13 -1.66 -12.55 21.19
CA LEU A 13 -2.56 -11.37 21.01
C LEU A 13 -3.61 -11.37 22.12
N ARG A 14 -4.40 -12.45 22.21
CA ARG A 14 -5.48 -12.64 23.21
C ARG A 14 -4.95 -12.34 24.61
N GLY A 15 -3.70 -12.74 24.88
CA GLY A 15 -3.06 -12.60 26.20
C GLY A 15 -2.28 -11.30 26.34
N PHE A 16 -2.27 -10.46 25.29
CA PHE A 16 -1.57 -9.16 25.26
C PHE A 16 -2.57 -8.03 25.55
N LYS A 17 -2.08 -6.92 26.11
CA LYS A 17 -2.89 -5.71 26.43
C LYS A 17 -1.98 -4.49 26.55
N LEU A 18 -2.43 -3.35 26.01
CA LEU A 18 -1.78 -2.02 26.17
C LEU A 18 -2.43 -1.27 27.34
N ASN A 19 -1.68 -1.08 28.42
CA ASN A 19 -2.17 -0.41 29.66
C ASN A 19 -2.24 1.11 29.43
N TRP A 20 -1.12 1.74 29.10
CA TRP A 20 -1.03 3.20 28.83
C TRP A 20 0.18 3.51 27.95
N MET A 21 0.22 4.72 27.38
CA MET A 21 1.41 5.26 26.66
C MET A 21 1.49 6.77 26.89
N ASN A 22 2.69 7.30 27.11
CA ASN A 22 2.94 8.76 27.27
C ASN A 22 3.85 9.23 26.13
N LEU A 23 3.86 10.54 25.87
CA LEU A 23 4.74 11.20 24.88
C LEU A 23 5.34 12.46 25.51
N ARG A 24 6.67 12.49 25.69
CA ARG A 24 7.39 13.62 26.33
C ARG A 24 8.34 14.26 25.32
N ASP A 25 8.44 15.59 25.33
CA ASP A 25 9.49 16.34 24.61
C ASP A 25 10.84 15.91 25.19
N ALA A 26 11.57 15.04 24.47
CA ALA A 26 12.89 14.49 24.86
C ALA A 26 13.72 15.59 25.54
N GLU A 27 13.71 16.80 24.98
CA GLU A 27 14.52 17.95 25.43
C GLU A 27 14.16 18.30 26.89
N THR A 28 12.91 18.72 27.13
CA THR A 28 12.42 19.20 28.46
C THR A 28 12.06 18.01 29.34
N GLY A 29 11.20 17.12 28.84
CA GLY A 29 10.69 15.95 29.58
C GLY A 29 9.21 16.09 29.87
N LYS A 30 8.65 17.29 29.60
CA LYS A 30 7.21 17.61 29.79
C LYS A 30 6.36 16.59 29.02
N ILE A 31 5.50 15.86 29.72
CA ILE A 31 4.52 14.91 29.12
C ILE A 31 3.53 15.71 28.25
N LEU A 32 3.53 15.43 26.94
CA LEU A 32 2.70 16.18 25.94
C LEU A 32 1.40 15.41 25.67
N TRP A 33 1.38 14.11 25.96
CA TRP A 33 0.23 13.22 25.67
C TRP A 33 0.35 11.92 26.46
N GLN A 34 -0.71 11.56 27.17
CA GLN A 34 -0.86 10.25 27.85
C GLN A 34 -2.15 9.60 27.32
N GLY A 35 -2.03 8.38 26.79
CA GLY A 35 -3.16 7.61 26.24
C GLY A 35 -3.60 6.52 27.20
N THR A 36 -4.91 6.36 27.37
CA THR A 36 -5.54 5.36 28.28
C THR A 36 -6.06 4.18 27.47
N GLU A 37 -6.58 4.44 26.27
CA GLU A 37 -7.19 3.39 25.40
C GLU A 37 -6.09 2.46 24.89
N ASP A 38 -6.40 1.16 24.76
CA ASP A 38 -5.54 0.15 24.10
C ASP A 38 -5.66 0.33 22.58
N LEU A 39 -4.58 0.76 21.95
CA LEU A 39 -4.53 1.12 20.50
C LEU A 39 -3.83 -0.01 19.72
N SER A 40 -3.68 -1.17 20.35
CA SER A 40 -2.96 -2.36 19.80
C SER A 40 -3.96 -3.33 19.16
N VAL A 41 -5.26 -3.09 19.34
CA VAL A 41 -6.33 -3.99 18.82
C VAL A 41 -6.41 -3.82 17.29
N PRO A 42 -6.25 -4.92 16.53
CA PRO A 42 -6.46 -4.89 15.08
C PRO A 42 -7.96 -4.88 14.73
N GLY A 43 -8.28 -4.55 13.47
CA GLY A 43 -9.67 -4.55 12.96
C GLY A 43 -10.40 -3.25 13.26
N VAL A 44 -10.10 -2.64 14.41
CA VAL A 44 -10.73 -1.36 14.88
C VAL A 44 -9.98 -0.18 14.26
N GLU A 45 -10.71 0.89 13.94
CA GLU A 45 -10.15 2.22 13.57
C GLU A 45 -10.03 3.07 14.83
N HIS A 46 -8.82 3.23 15.36
CA HIS A 46 -8.51 4.19 16.46
C HIS A 46 -8.22 5.57 15.87
N GLU A 47 -8.45 6.61 16.67
CA GLU A 47 -8.01 8.00 16.38
C GLU A 47 -7.27 8.53 17.60
N ALA A 48 -6.44 9.55 17.42
CA ALA A 48 -5.70 10.24 18.51
C ALA A 48 -5.62 11.73 18.22
N ARG A 49 -6.00 12.55 19.20
CA ARG A 49 -5.80 14.02 19.21
C ARG A 49 -4.54 14.31 20.02
N VAL A 50 -3.48 14.82 19.37
CA VAL A 50 -2.18 15.16 20.03
C VAL A 50 -1.92 16.66 19.88
N PRO A 51 -1.39 17.32 20.94
CA PRO A 51 -1.09 18.75 20.88
C PRO A 51 -0.15 19.13 19.72
N LYS A 52 -0.59 20.12 18.92
CA LYS A 52 0.15 20.67 17.75
C LYS A 52 1.62 20.91 18.13
N LYS A 53 1.85 21.41 19.34
CA LYS A 53 3.19 21.83 19.85
C LYS A 53 4.23 20.76 19.48
N ILE A 54 3.83 19.48 19.57
CA ILE A 54 4.74 18.30 19.47
C ILE A 54 5.49 18.33 18.13
N LEU A 55 4.88 18.91 17.09
CA LEU A 55 5.46 18.99 15.73
C LEU A 55 6.67 19.92 15.72
N LYS A 56 6.85 20.71 16.79
CA LYS A 56 8.03 21.61 16.99
C LYS A 56 8.98 20.99 18.01
N CYS A 57 8.88 19.68 18.23
CA CYS A 57 9.85 18.88 19.01
C CYS A 57 10.91 18.32 18.06
N LYS A 58 12.19 18.45 18.42
CA LYS A 58 13.33 17.90 17.65
C LYS A 58 13.37 16.38 17.86
N ALA A 59 12.95 15.92 19.04
CA ALA A 59 12.89 14.49 19.44
C ALA A 59 11.89 14.31 20.58
N VAL A 60 11.24 13.14 20.66
CA VAL A 60 10.21 12.80 21.70
C VAL A 60 10.51 11.42 22.28
N SER A 61 10.32 11.26 23.59
CA SER A 61 10.43 9.98 24.33
C SER A 61 9.04 9.36 24.49
N ARG A 62 8.84 8.17 23.91
CA ARG A 62 7.55 7.44 23.93
C ARG A 62 7.66 6.22 24.85
N GLU A 63 6.94 6.25 25.97
CA GLU A 63 6.86 5.12 26.93
C GLU A 63 5.56 4.33 26.70
N LEU A 64 5.67 3.00 26.63
CA LEU A 64 4.52 2.06 26.57
C LEU A 64 4.57 1.14 27.78
N ASN A 65 3.45 1.05 28.50
CA ASN A 65 3.23 0.02 29.56
C ASN A 65 2.24 -1.01 29.03
N PHE A 66 2.66 -2.27 28.96
CA PHE A 66 1.85 -3.39 28.41
C PHE A 66 1.95 -4.60 29.33
N SER A 67 0.98 -5.50 29.23
CA SER A 67 0.95 -6.79 29.98
C SER A 67 0.76 -7.95 28.99
N SER A 68 1.60 -8.97 29.10
CA SER A 68 1.56 -10.20 28.27
C SER A 68 1.49 -11.44 29.16
N THR A 69 0.40 -12.22 29.02
CA THR A 69 0.21 -13.54 29.69
C THR A 69 1.21 -14.53 29.09
N GLU A 70 1.42 -14.44 27.77
CA GLU A 70 2.30 -15.36 27.00
C GLU A 70 3.74 -14.86 27.01
N GLN A 71 4.69 -15.79 26.96
CA GLN A 71 6.15 -15.53 26.81
C GLN A 71 6.45 -15.13 25.37
N MET A 72 7.34 -14.16 25.17
CA MET A 72 7.77 -13.70 23.81
C MET A 72 9.30 -13.66 23.75
N GLU A 73 9.89 -14.29 22.73
CA GLU A 73 11.37 -14.42 22.58
C GLU A 73 11.98 -13.06 22.26
N LYS A 74 11.48 -12.39 21.21
CA LYS A 74 11.93 -11.04 20.81
C LYS A 74 10.71 -10.22 20.39
N PHE A 75 10.21 -9.36 21.28
CA PHE A 75 9.04 -8.50 21.01
C PHE A 75 9.55 -7.19 20.40
N ARG A 76 9.05 -6.85 19.21
CA ARG A 76 9.50 -5.67 18.43
C ARG A 76 8.33 -5.13 17.63
N LEU A 77 8.42 -3.87 17.19
CA LEU A 77 7.36 -3.21 16.40
C LEU A 77 7.95 -2.70 15.09
N GLU A 78 7.15 -2.75 14.03
CA GLU A 78 7.42 -2.05 12.76
C GLU A 78 6.30 -1.01 12.55
N GLN A 79 6.65 0.24 12.23
CA GLN A 79 5.67 1.35 12.07
C GLN A 79 5.96 2.11 10.77
N LYS A 80 4.96 2.16 9.88
CA LYS A 80 4.98 3.02 8.66
C LYS A 80 4.05 4.21 8.91
N VAL A 81 4.51 5.41 8.59
CA VAL A 81 3.75 6.68 8.73
C VAL A 81 3.26 7.11 7.34
N TYR A 82 1.94 7.05 7.12
CA TYR A 82 1.29 7.35 5.82
C TYR A 82 0.67 8.75 5.86
N PHE A 83 0.92 9.55 4.82
CA PHE A 83 0.24 10.84 4.56
C PHE A 83 -0.50 10.77 3.23
N LYS A 84 -1.83 10.85 3.27
CA LYS A 84 -2.72 10.77 2.08
C LYS A 84 -2.30 9.58 1.21
N GLY A 85 -2.16 8.40 1.84
CA GLY A 85 -1.95 7.12 1.14
C GLY A 85 -0.48 6.86 0.83
N GLN A 86 0.36 7.89 0.97
CA GLN A 86 1.82 7.81 0.70
C GLN A 86 2.56 7.56 2.02
N CYS A 87 3.35 6.49 2.10
CA CYS A 87 4.25 6.20 3.24
C CYS A 87 5.45 7.15 3.18
N LEU A 88 5.65 7.94 4.24
CA LEU A 88 6.74 8.96 4.31
C LEU A 88 7.90 8.43 5.17
N GLU A 89 7.56 7.77 6.28
CA GLU A 89 8.55 7.29 7.29
C GLU A 89 8.27 5.83 7.65
N GLU A 90 9.34 5.04 7.86
CA GLU A 90 9.25 3.69 8.46
C GLU A 90 10.24 3.61 9.62
N TRP A 91 9.84 2.94 10.70
CA TRP A 91 10.64 2.81 11.95
C TRP A 91 10.58 1.37 12.45
N PHE A 92 11.58 0.97 13.23
CA PHE A 92 11.65 -0.35 13.90
C PHE A 92 12.09 -0.13 15.34
N PHE A 93 11.39 -0.72 16.29
CA PHE A 93 11.71 -0.62 17.72
C PHE A 93 11.70 -2.01 18.33
N GLU A 94 12.71 -2.35 19.13
CA GLU A 94 12.77 -3.69 19.77
C GLU A 94 12.70 -3.53 21.29
N PHE A 95 11.91 -4.39 21.92
CA PHE A 95 11.83 -4.49 23.40
C PHE A 95 12.64 -5.70 23.87
N GLY A 96 12.60 -6.78 23.08
CA GLY A 96 13.31 -8.04 23.35
C GLY A 96 12.42 -9.05 24.04
N PHE A 97 13.01 -9.88 24.90
CA PHE A 97 12.33 -11.01 25.59
C PHE A 97 11.24 -10.47 26.52
N VAL A 98 10.14 -11.20 26.66
CA VAL A 98 8.99 -10.87 27.55
C VAL A 98 8.69 -12.08 28.44
N ILE A 99 8.63 -11.89 29.76
CA ILE A 99 8.34 -12.95 30.77
C ILE A 99 6.85 -13.23 30.78
N PRO A 100 6.41 -14.51 30.78
CA PRO A 100 4.98 -14.83 30.78
C PRO A 100 4.27 -14.26 32.02
N ASN A 101 3.11 -13.63 31.81
CA ASN A 101 2.27 -13.03 32.87
C ASN A 101 3.02 -11.88 33.53
N SER A 102 3.85 -11.18 32.75
CA SER A 102 4.60 -9.97 33.19
C SER A 102 3.88 -8.70 32.74
N THR A 103 4.11 -7.60 33.44
CA THR A 103 3.73 -6.22 33.05
C THR A 103 5.02 -5.40 32.89
N ASN A 104 5.30 -4.92 31.68
CA ASN A 104 6.60 -4.31 31.32
C ASN A 104 6.38 -2.86 30.88
N THR A 105 7.38 -2.00 31.11
CA THR A 105 7.42 -0.59 30.64
C THR A 105 8.51 -0.47 29.58
N TRP A 106 8.19 0.15 28.44
CA TRP A 106 9.08 0.25 27.26
C TRP A 106 9.18 1.72 26.82
N GLN A 107 10.38 2.30 26.94
CA GLN A 107 10.67 3.70 26.52
C GLN A 107 11.57 3.65 25.27
N SER A 108 11.07 4.20 24.15
CA SER A 108 11.84 4.39 22.88
C SER A 108 12.04 5.89 22.64
N LEU A 109 13.23 6.28 22.18
CA LEU A 109 13.56 7.68 21.81
C LEU A 109 13.46 7.85 20.29
N ILE A 110 12.63 8.78 19.83
CA ILE A 110 12.40 9.08 18.39
C ILE A 110 13.03 10.44 18.06
N GLU A 111 13.92 10.46 17.07
CA GLU A 111 14.74 11.64 16.67
C GLU A 111 13.90 12.60 15.84
N MET A 118 9.43 19.25 7.64
CA MET A 118 8.16 19.06 8.39
C MET A 118 7.08 19.99 7.80
N MET A 119 5.82 19.58 7.92
CA MET A 119 4.65 20.24 7.26
C MET A 119 3.84 21.04 8.28
N PRO A 120 2.90 21.91 7.84
CA PRO A 120 1.99 22.60 8.74
C PRO A 120 0.94 21.65 9.34
N ALA A 121 0.60 21.87 10.61
CA ALA A 121 -0.35 21.04 11.39
C ALA A 121 -1.73 21.06 10.70
N SER A 122 -2.13 22.22 10.19
CA SER A 122 -3.39 22.44 9.43
C SER A 122 -3.54 21.36 8.35
N VAL A 123 -2.43 20.96 7.73
CA VAL A 123 -2.41 20.06 6.54
C VAL A 123 -2.33 18.60 7.00
N LEU A 124 -1.53 18.32 8.02
CA LEU A 124 -1.29 16.94 8.54
C LEU A 124 -2.55 16.43 9.25
N THR A 125 -3.14 17.25 10.13
CA THR A 125 -4.22 16.84 11.06
C THR A 125 -5.22 15.98 10.28
N GLY A 126 -5.46 14.75 10.76
CA GLY A 126 -6.46 13.83 10.22
C GLY A 126 -6.02 13.18 8.91
N ASN A 127 -4.83 13.52 8.42
CA ASN A 127 -4.32 13.06 7.09
C ASN A 127 -3.20 12.03 7.28
N VAL A 128 -2.88 11.68 8.54
CA VAL A 128 -1.69 10.83 8.87
C VAL A 128 -2.17 9.55 9.57
N ILE A 129 -1.73 8.40 9.07
CA ILE A 129 -2.08 7.04 9.56
C ILE A 129 -0.78 6.32 9.97
N ILE A 130 -0.74 5.73 11.16
CA ILE A 130 0.46 5.02 11.71
C ILE A 130 0.15 3.52 11.77
N GLU A 131 0.49 2.79 10.70
CA GLU A 131 0.36 1.32 10.59
C GLU A 131 1.44 0.69 11.48
N THR A 132 1.00 -0.06 12.50
CA THR A 132 1.89 -0.66 13.54
C THR A 132 1.78 -2.19 13.50
N LYS A 133 2.86 -2.86 13.11
CA LYS A 133 2.96 -4.35 13.11
C LYS A 133 3.66 -4.81 14.38
N PHE A 134 2.99 -5.65 15.18
CA PHE A 134 3.54 -6.31 16.38
C PHE A 134 4.08 -7.70 15.99
N PHE A 135 5.34 -7.98 16.37
CA PHE A 135 6.06 -9.24 16.04
C PHE A 135 6.65 -9.89 17.30
N ASP A 136 6.69 -11.21 17.32
CA ASP A 136 7.56 -12.03 18.21
C ASP A 136 8.68 -12.64 17.35
N ASP A 137 9.89 -12.10 17.49
CA ASP A 137 11.06 -12.41 16.62
C ASP A 137 10.71 -11.99 15.20
N ASP A 138 10.27 -12.92 14.36
CA ASP A 138 9.81 -12.65 12.97
C ASP A 138 8.48 -13.37 12.73
N LEU A 139 7.55 -13.24 13.69
CA LEU A 139 6.17 -13.79 13.63
C LEU A 139 5.16 -12.67 13.87
N LEU A 140 4.48 -12.20 12.82
CA LEU A 140 3.48 -11.10 12.89
C LEU A 140 2.29 -11.56 13.75
N VAL A 141 2.07 -10.92 14.90
CA VAL A 141 0.98 -11.28 15.87
C VAL A 141 -0.25 -10.41 15.59
N SER A 142 -0.07 -9.12 15.33
CA SER A 142 -1.18 -8.18 15.06
C SER A 142 -0.71 -7.02 14.16
N THR A 143 -1.67 -6.36 13.52
CA THR A 143 -1.49 -5.14 12.69
C THR A 143 -2.55 -4.11 13.12
N SER A 144 -2.11 -2.90 13.49
CA SER A 144 -2.98 -1.81 13.98
C SER A 144 -2.78 -0.56 13.12
N ARG A 145 -3.83 0.26 12.99
CA ARG A 145 -3.84 1.49 12.16
C ARG A 145 -4.48 2.60 13.00
N VAL A 146 -3.74 3.68 13.27
CA VAL A 146 -4.21 4.82 14.11
C VAL A 146 -4.15 6.11 13.31
N ARG A 147 -5.26 6.84 13.22
CA ARG A 147 -5.33 8.16 12.54
C ARG A 147 -5.00 9.24 13.57
N LEU A 148 -4.14 10.21 13.19
CA LEU A 148 -3.63 11.27 14.09
C LEU A 148 -4.26 12.62 13.72
N PHE A 149 -4.68 13.36 14.75
CA PHE A 149 -5.15 14.77 14.67
C PHE A 149 -4.26 15.65 15.54
N TYR A 150 -3.96 16.86 15.06
CA TYR A 150 -3.11 17.86 15.75
C TYR A 150 -3.99 19.03 16.21
N VAL A 151 -4.04 19.27 17.52
CA VAL A 151 -5.01 20.20 18.18
C VAL A 151 -4.23 21.30 18.89
N ALA B 1 0.73 -27.92 14.32
CA ALA B 1 0.98 -28.49 12.97
C ALA B 1 1.65 -27.43 12.08
N MET B 2 2.89 -27.68 11.66
CA MET B 2 3.69 -26.77 10.80
C MET B 2 3.15 -26.83 9.37
N SER B 3 2.93 -25.67 8.75
CA SER B 3 2.32 -25.50 7.41
C SER B 3 3.18 -26.19 6.33
N ALA B 4 2.63 -26.33 5.12
CA ALA B 4 3.34 -26.87 3.94
C ALA B 4 4.44 -25.88 3.52
N LYS B 5 4.08 -24.60 3.38
CA LYS B 5 5.01 -23.52 2.95
C LYS B 5 6.01 -23.25 4.07
N ASP B 6 5.65 -23.57 5.31
CA ASP B 6 6.53 -23.41 6.51
C ASP B 6 7.75 -24.35 6.37
N GLU B 7 7.53 -25.61 5.98
CA GLU B 7 8.60 -26.64 5.94
C GLU B 7 9.27 -26.63 4.56
N ARG B 8 8.76 -25.86 3.59
CA ARG B 8 9.46 -25.60 2.30
C ARG B 8 10.52 -24.53 2.56
N ALA B 9 10.18 -23.51 3.35
CA ALA B 9 11.10 -22.43 3.78
C ALA B 9 12.18 -23.02 4.70
N ARG B 10 11.76 -23.81 5.68
CA ARG B 10 12.65 -24.48 6.67
C ARG B 10 13.66 -25.37 5.92
N GLU B 11 13.20 -26.15 4.94
CA GLU B 11 14.04 -27.05 4.11
C GLU B 11 15.13 -26.25 3.38
N ILE B 12 14.72 -25.30 2.54
CA ILE B 12 15.63 -24.49 1.67
C ILE B 12 16.77 -23.93 2.50
N LEU B 13 16.43 -23.32 3.65
CA LEU B 13 17.39 -22.63 4.55
C LEU B 13 18.47 -23.62 5.02
N ARG B 14 18.07 -24.76 5.58
CA ARG B 14 18.98 -25.85 6.03
C ARG B 14 19.97 -26.19 4.92
N GLY B 15 19.51 -26.23 3.67
CA GLY B 15 20.29 -26.62 2.49
C GLY B 15 21.01 -25.45 1.85
N PHE B 16 20.77 -24.23 2.34
CA PHE B 16 21.34 -22.97 1.78
C PHE B 16 22.59 -22.56 2.56
N LYS B 17 23.52 -21.87 1.90
CA LYS B 17 24.77 -21.32 2.50
C LYS B 17 25.29 -20.15 1.66
N LEU B 18 25.76 -19.09 2.32
CA LEU B 18 26.47 -17.95 1.67
C LEU B 18 27.98 -18.18 1.79
N ASN B 19 28.64 -18.46 0.66
CA ASN B 19 30.08 -18.83 0.59
C ASN B 19 30.96 -17.60 0.82
N TRP B 20 30.83 -16.58 -0.03
CA TRP B 20 31.60 -15.31 0.06
C TRP B 20 30.84 -14.16 -0.61
N MET B 21 31.30 -12.92 -0.36
CA MET B 21 30.78 -11.68 -1.02
C MET B 21 31.93 -10.72 -1.29
N ASN B 22 31.85 -9.98 -2.40
CA ASN B 22 32.79 -8.87 -2.77
C ASN B 22 32.04 -7.54 -2.74
N LEU B 23 32.79 -6.43 -2.68
CA LEU B 23 32.29 -5.05 -2.90
C LEU B 23 33.36 -4.25 -3.65
N ARG B 24 33.08 -3.91 -4.92
CA ARG B 24 34.03 -3.20 -5.82
C ARG B 24 33.47 -1.84 -6.21
N ASP B 25 34.32 -0.82 -6.30
CA ASP B 25 33.99 0.48 -6.95
C ASP B 25 33.63 0.21 -8.41
N ALA B 26 32.35 0.30 -8.73
CA ALA B 26 31.79 0.02 -10.08
C ALA B 26 32.73 0.53 -11.17
N GLU B 27 33.21 1.77 -11.03
CA GLU B 27 34.02 2.48 -12.04
C GLU B 27 35.34 1.73 -12.28
N THR B 28 36.16 1.57 -11.23
CA THR B 28 37.52 1.01 -11.30
C THR B 28 37.46 -0.53 -11.34
N GLY B 29 36.79 -1.13 -10.36
CA GLY B 29 36.74 -2.59 -10.17
C GLY B 29 37.56 -3.02 -8.97
N LYS B 30 38.25 -2.07 -8.32
CA LYS B 30 39.07 -2.30 -7.11
C LYS B 30 38.18 -2.84 -6.00
N ILE B 31 38.50 -4.04 -5.49
CA ILE B 31 37.78 -4.70 -4.36
C ILE B 31 37.98 -3.84 -3.10
N LEU B 32 36.87 -3.35 -2.51
CA LEU B 32 36.90 -2.48 -1.31
C LEU B 32 36.69 -3.32 -0.04
N TRP B 33 36.08 -4.50 -0.19
CA TRP B 33 35.68 -5.38 0.94
C TRP B 33 35.42 -6.80 0.42
N GLN B 34 35.82 -7.81 1.20
CA GLN B 34 35.54 -9.24 0.90
C GLN B 34 34.92 -9.93 2.13
N GLY B 35 34.01 -10.87 1.90
CA GLY B 35 33.19 -11.53 2.94
C GLY B 35 33.84 -12.79 3.49
N THR B 36 33.41 -13.95 2.99
CA THR B 36 33.76 -15.31 3.50
C THR B 36 32.73 -15.74 4.57
N GLU B 37 32.30 -14.81 5.42
CA GLU B 37 31.30 -15.08 6.49
C GLU B 37 29.92 -15.25 5.86
N ASP B 38 29.12 -16.17 6.39
CA ASP B 38 27.70 -16.37 5.97
C ASP B 38 26.81 -15.38 6.73
N LEU B 39 26.22 -14.42 6.02
CA LEU B 39 25.43 -13.30 6.61
C LEU B 39 23.94 -13.56 6.40
N SER B 40 23.57 -14.75 5.92
CA SER B 40 22.16 -15.16 5.65
C SER B 40 21.57 -15.86 6.88
N VAL B 41 22.43 -16.23 7.84
CA VAL B 41 22.03 -16.95 9.09
C VAL B 41 21.20 -16.00 9.95
N PRO B 42 19.94 -16.34 10.27
CA PRO B 42 19.12 -15.53 11.16
C PRO B 42 19.38 -15.83 12.64
N GLY B 43 18.54 -15.28 13.53
CA GLY B 43 18.55 -15.58 14.98
C GLY B 43 19.71 -14.92 15.69
N VAL B 44 20.35 -13.93 15.06
CA VAL B 44 21.41 -13.08 15.69
C VAL B 44 21.80 -11.96 14.72
N GLU B 45 22.53 -10.96 15.24
CA GLU B 45 23.11 -9.83 14.48
C GLU B 45 24.52 -10.20 14.02
N HIS B 46 24.82 -10.06 12.73
CA HIS B 46 26.19 -10.16 12.16
C HIS B 46 26.84 -8.78 12.21
N GLU B 47 28.17 -8.74 12.21
CA GLU B 47 28.97 -7.48 12.20
C GLU B 47 29.82 -7.45 10.94
N ALA B 48 30.05 -6.27 10.39
CA ALA B 48 30.89 -6.09 9.17
C ALA B 48 31.63 -4.76 9.24
N ARG B 49 32.93 -4.80 9.00
CA ARG B 49 33.79 -3.59 8.93
C ARG B 49 34.01 -3.27 7.45
N VAL B 50 33.60 -2.08 7.03
CA VAL B 50 33.66 -1.65 5.60
C VAL B 50 34.36 -0.28 5.52
N PRO B 51 35.32 -0.07 4.56
CA PRO B 51 36.04 1.20 4.32
C PRO B 51 35.13 2.42 4.07
N LYS B 52 35.29 3.49 4.86
CA LYS B 52 34.38 4.67 4.83
C LYS B 52 34.33 5.23 3.40
N LYS B 53 35.43 5.16 2.66
CA LYS B 53 35.57 5.71 1.28
C LYS B 53 34.36 5.27 0.43
N ILE B 54 33.81 4.09 0.71
CA ILE B 54 32.68 3.48 -0.05
C ILE B 54 31.51 4.47 -0.10
N LEU B 55 31.33 5.27 0.95
CA LEU B 55 30.18 6.21 1.09
C LEU B 55 30.35 7.38 0.11
N LYS B 56 31.51 7.49 -0.53
CA LYS B 56 31.79 8.54 -1.55
C LYS B 56 31.74 7.91 -2.95
N CYS B 57 31.47 6.61 -3.03
CA CYS B 57 31.26 5.86 -4.30
C CYS B 57 29.90 6.24 -4.91
N LYS B 58 29.88 6.52 -6.21
CA LYS B 58 28.65 6.83 -6.99
C LYS B 58 27.88 5.54 -7.21
N ALA B 59 28.60 4.44 -7.43
CA ALA B 59 28.06 3.08 -7.65
C ALA B 59 29.09 2.01 -7.23
N VAL B 60 28.60 0.88 -6.71
CA VAL B 60 29.45 -0.29 -6.30
C VAL B 60 28.83 -1.58 -6.86
N SER B 61 29.66 -2.48 -7.38
CA SER B 61 29.28 -3.84 -7.85
C SER B 61 29.46 -4.84 -6.71
N ARG B 62 28.39 -5.53 -6.33
CA ARG B 62 28.34 -6.45 -5.16
C ARG B 62 28.13 -7.89 -5.66
N GLU B 63 29.15 -8.74 -5.52
CA GLU B 63 29.13 -10.15 -5.99
C GLU B 63 28.90 -11.08 -4.79
N LEU B 64 28.04 -12.08 -4.95
CA LEU B 64 27.79 -13.14 -3.94
C LEU B 64 27.92 -14.51 -4.58
N ASN B 65 28.65 -15.42 -3.92
CA ASN B 65 28.67 -16.86 -4.24
C ASN B 65 27.90 -17.58 -3.13
N PHE B 66 26.84 -18.31 -3.48
CA PHE B 66 26.00 -19.09 -2.53
C PHE B 66 25.76 -20.49 -3.10
N SER B 67 25.38 -21.44 -2.24
CA SER B 67 25.10 -22.85 -2.59
C SER B 67 23.76 -23.27 -1.98
N SER B 68 22.88 -23.86 -2.79
CA SER B 68 21.52 -24.30 -2.40
C SER B 68 21.30 -25.76 -2.79
N THR B 69 21.01 -26.62 -1.81
CA THR B 69 20.61 -28.04 -2.00
C THR B 69 19.25 -28.09 -2.70
N GLU B 70 18.33 -27.20 -2.29
CA GLU B 70 16.91 -27.20 -2.74
C GLU B 70 16.78 -26.31 -3.99
N GLN B 71 15.82 -26.66 -4.85
CA GLN B 71 15.38 -25.86 -6.03
C GLN B 71 14.61 -24.63 -5.54
N MET B 72 14.82 -23.48 -6.18
CA MET B 72 14.05 -22.23 -5.93
C MET B 72 13.53 -21.67 -7.25
N GLU B 73 12.25 -21.32 -7.31
CA GLU B 73 11.55 -20.90 -8.56
C GLU B 73 12.00 -19.48 -8.93
N LYS B 74 11.92 -18.53 -7.99
CA LYS B 74 12.42 -17.14 -8.19
C LYS B 74 13.08 -16.65 -6.89
N PHE B 75 14.39 -16.87 -6.74
CA PHE B 75 15.19 -16.39 -5.58
C PHE B 75 15.47 -14.89 -5.75
N ARG B 76 15.20 -14.12 -4.70
CA ARG B 76 15.34 -12.63 -4.71
C ARG B 76 15.55 -12.13 -3.27
N LEU B 77 16.25 -11.00 -3.13
CA LEU B 77 16.54 -10.34 -1.83
C LEU B 77 15.72 -9.06 -1.71
N GLU B 78 15.18 -8.81 -0.52
CA GLU B 78 14.67 -7.46 -0.11
C GLU B 78 15.56 -6.96 1.02
N GLN B 79 15.99 -5.71 0.94
CA GLN B 79 16.97 -5.12 1.91
C GLN B 79 16.49 -3.73 2.35
N LYS B 80 16.26 -3.57 3.66
CA LYS B 80 15.99 -2.26 4.30
C LYS B 80 17.25 -1.81 5.03
N VAL B 81 17.64 -0.55 4.83
CA VAL B 81 18.83 0.07 5.51
C VAL B 81 18.33 1.01 6.60
N TYR B 82 18.53 0.63 7.86
CA TYR B 82 18.03 1.35 9.06
C TYR B 82 19.17 2.16 9.68
N PHE B 83 18.88 3.43 10.00
CA PHE B 83 19.75 4.31 10.83
C PHE B 83 18.99 4.74 12.09
N LYS B 84 19.46 4.32 13.25
CA LYS B 84 18.89 4.67 14.58
C LYS B 84 17.39 4.36 14.58
N GLY B 85 17.01 3.18 14.08
CA GLY B 85 15.63 2.66 14.14
C GLY B 85 14.78 3.11 12.97
N GLN B 86 15.28 4.08 12.20
CA GLN B 86 14.56 4.64 11.02
C GLN B 86 15.12 4.01 9.74
N CYS B 87 14.24 3.44 8.90
CA CYS B 87 14.57 2.92 7.55
C CYS B 87 14.75 4.10 6.59
N LEU B 88 15.92 4.21 5.96
CA LEU B 88 16.30 5.34 5.07
C LEU B 88 16.29 4.90 3.61
N GLU B 89 16.69 3.66 3.34
CA GLU B 89 16.77 3.07 1.97
C GLU B 89 16.11 1.68 1.97
N GLU B 90 15.38 1.36 0.90
CA GLU B 90 14.90 -0.03 0.63
C GLU B 90 15.31 -0.42 -0.80
N TRP B 91 15.79 -1.65 -0.96
CA TRP B 91 16.31 -2.20 -2.25
C TRP B 91 15.71 -3.58 -2.52
N PHE B 92 15.59 -3.94 -3.79
CA PHE B 92 15.27 -5.31 -4.26
C PHE B 92 16.34 -5.77 -5.26
N PHE B 93 16.77 -7.02 -5.13
CA PHE B 93 17.69 -7.71 -6.06
C PHE B 93 17.09 -9.08 -6.39
N GLU B 94 17.06 -9.42 -7.69
CA GLU B 94 16.43 -10.67 -8.19
C GLU B 94 17.52 -11.51 -8.87
N PHE B 95 17.65 -12.78 -8.48
CA PHE B 95 18.60 -13.75 -9.08
C PHE B 95 17.84 -14.62 -10.10
N GLY B 96 16.60 -14.97 -9.77
CA GLY B 96 15.75 -15.86 -10.59
C GLY B 96 15.80 -17.29 -10.06
N PHE B 97 15.59 -18.27 -10.94
CA PHE B 97 15.48 -19.71 -10.58
C PHE B 97 16.86 -20.22 -10.14
N VAL B 98 16.87 -21.16 -9.19
CA VAL B 98 18.09 -21.81 -8.64
C VAL B 98 17.97 -23.33 -8.82
N ILE B 99 19.00 -23.95 -9.41
CA ILE B 99 19.07 -25.42 -9.67
C ILE B 99 19.42 -26.14 -8.37
N PRO B 100 18.72 -27.24 -8.02
CA PRO B 100 19.02 -27.99 -6.80
C PRO B 100 20.47 -28.49 -6.74
N ASN B 101 21.11 -28.32 -5.58
CA ASN B 101 22.52 -28.73 -5.29
C ASN B 101 23.47 -27.97 -6.22
N SER B 102 23.13 -26.73 -6.58
CA SER B 102 23.95 -25.83 -7.42
C SER B 102 24.72 -24.85 -6.53
N THR B 103 25.88 -24.38 -7.02
CA THR B 103 26.69 -23.28 -6.43
C THR B 103 26.79 -22.16 -7.47
N ASN B 104 26.19 -21.01 -7.19
CA ASN B 104 25.96 -19.93 -8.19
C ASN B 104 26.65 -18.64 -7.70
N THR B 105 27.12 -17.82 -8.64
CA THR B 105 27.68 -16.46 -8.39
C THR B 105 26.69 -15.41 -8.93
N TRP B 106 26.41 -14.37 -8.12
CA TRP B 106 25.40 -13.32 -8.40
C TRP B 106 26.00 -11.94 -8.14
N GLN B 107 26.17 -11.15 -9.20
CA GLN B 107 26.69 -9.75 -9.13
C GLN B 107 25.54 -8.79 -9.44
N SER B 108 25.24 -7.89 -8.49
CA SER B 108 24.25 -6.79 -8.62
C SER B 108 24.98 -5.45 -8.59
N LEU B 109 24.57 -4.50 -9.43
CA LEU B 109 25.15 -3.13 -9.47
C LEU B 109 24.20 -2.15 -8.76
N ILE B 110 24.74 -1.44 -7.75
CA ILE B 110 23.98 -0.51 -6.87
C ILE B 110 24.46 0.92 -7.14
N GLU B 111 23.53 1.88 -7.26
CA GLU B 111 23.82 3.30 -7.59
C GLU B 111 23.36 4.17 -6.41
N ALA B 112 23.22 5.49 -6.60
CA ALA B 112 23.00 6.46 -5.50
C ALA B 112 21.96 7.54 -5.87
N ALA B 113 21.16 7.30 -6.91
CA ALA B 113 20.13 8.23 -7.42
C ALA B 113 20.68 9.67 -7.40
N GLN B 117 22.13 13.06 -1.39
CA GLN B 117 22.96 13.55 -0.25
C GLN B 117 23.21 12.38 0.72
N MET B 118 24.11 12.56 1.67
CA MET B 118 24.51 11.53 2.67
C MET B 118 25.16 12.20 3.88
N MET B 119 25.22 11.50 5.02
CA MET B 119 25.85 12.01 6.27
C MET B 119 27.22 11.38 6.44
N PRO B 120 27.97 11.75 7.50
CA PRO B 120 29.36 11.31 7.66
C PRO B 120 29.50 9.91 8.27
N ALA B 121 30.48 9.15 7.82
CA ALA B 121 30.82 7.81 8.35
C ALA B 121 30.98 7.90 9.88
N SER B 122 31.50 9.02 10.37
CA SER B 122 31.68 9.33 11.82
C SER B 122 30.36 9.09 12.57
N VAL B 123 29.24 9.47 11.97
CA VAL B 123 27.88 9.45 12.59
C VAL B 123 27.21 8.10 12.30
N LEU B 124 27.37 7.59 11.08
CA LEU B 124 26.69 6.35 10.61
C LEU B 124 27.29 5.13 11.34
N THR B 125 28.61 5.08 11.46
CA THR B 125 29.36 3.89 11.96
C THR B 125 28.65 3.32 13.19
N GLY B 126 28.34 2.02 13.16
CA GLY B 126 27.70 1.28 14.26
C GLY B 126 26.23 1.58 14.40
N ASN B 127 25.69 2.52 13.62
CA ASN B 127 24.30 3.02 13.73
C ASN B 127 23.44 2.53 12.55
N VAL B 128 24.03 1.71 11.67
CA VAL B 128 23.37 1.27 10.40
C VAL B 128 23.23 -0.25 10.42
N ILE B 129 22.00 -0.74 10.20
CA ILE B 129 21.67 -2.19 10.08
C ILE B 129 21.05 -2.44 8.70
N ILE B 130 21.49 -3.50 8.03
CA ILE B 130 20.92 -3.97 6.72
C ILE B 130 20.10 -5.24 6.99
N GLU B 131 18.78 -5.09 7.14
CA GLU B 131 17.82 -6.21 7.19
C GLU B 131 17.73 -6.81 5.79
N THR B 132 18.08 -8.10 5.65
CA THR B 132 18.06 -8.85 4.37
C THR B 132 17.03 -9.97 4.48
N LYS B 133 15.92 -9.87 3.74
CA LYS B 133 14.89 -10.93 3.59
C LYS B 133 15.23 -11.75 2.34
N PHE B 134 15.43 -13.06 2.51
CA PHE B 134 15.67 -14.04 1.42
C PHE B 134 14.33 -14.69 1.05
N PHE B 135 13.97 -14.68 -0.23
CA PHE B 135 12.65 -15.13 -0.75
C PHE B 135 12.80 -16.14 -1.90
N ASP B 136 11.85 -17.09 -1.98
CA ASP B 136 11.51 -17.86 -3.20
C ASP B 136 10.17 -17.33 -3.73
N ASP B 137 10.20 -16.54 -4.81
CA ASP B 137 9.04 -15.78 -5.34
C ASP B 137 8.55 -14.82 -4.24
N ASP B 138 7.51 -15.22 -3.50
CA ASP B 138 6.89 -14.40 -2.42
C ASP B 138 6.81 -15.24 -1.13
N LEU B 139 7.76 -16.16 -0.94
CA LEU B 139 7.83 -17.07 0.24
C LEU B 139 9.11 -16.75 1.03
N LEU B 140 8.96 -16.09 2.19
CA LEU B 140 10.10 -15.67 3.06
C LEU B 140 10.80 -16.92 3.60
N VAL B 141 12.08 -17.09 3.25
CA VAL B 141 12.92 -18.27 3.63
C VAL B 141 13.65 -17.94 4.94
N SER B 142 14.31 -16.78 4.98
CA SER B 142 15.10 -16.32 6.15
C SER B 142 15.22 -14.79 6.14
N THR B 143 15.52 -14.22 7.31
CA THR B 143 15.78 -12.78 7.53
C THR B 143 17.07 -12.64 8.34
N SER B 144 18.06 -11.91 7.82
CA SER B 144 19.33 -11.59 8.51
C SER B 144 19.44 -10.09 8.75
N ARG B 145 20.16 -9.69 9.81
CA ARG B 145 20.45 -8.28 10.15
C ARG B 145 21.97 -8.11 10.31
N VAL B 146 22.53 -7.04 9.76
CA VAL B 146 24.01 -6.79 9.73
C VAL B 146 24.30 -5.39 10.26
N ARG B 147 25.13 -5.29 11.30
CA ARG B 147 25.67 -4.01 11.84
C ARG B 147 26.84 -3.56 10.96
N LEU B 148 26.83 -2.29 10.53
CA LEU B 148 27.88 -1.70 9.67
C LEU B 148 28.72 -0.72 10.49
N PHE B 149 30.04 -0.90 10.43
CA PHE B 149 31.07 0.04 10.95
C PHE B 149 31.88 0.56 9.77
N TYR B 150 32.10 1.87 9.74
CA TYR B 150 32.87 2.57 8.68
C TYR B 150 34.24 2.97 9.21
N VAL B 151 35.29 2.48 8.56
CA VAL B 151 36.71 2.56 9.03
C VAL B 151 37.52 3.37 8.01
N MET C 2 -1.14 -28.39 5.86
CA MET C 2 -0.91 -27.51 4.67
C MET C 2 -2.02 -26.46 4.58
N SER C 3 -1.66 -25.21 4.33
CA SER C 3 -2.59 -24.09 3.98
C SER C 3 -3.16 -23.43 5.25
N ALA C 4 -4.49 -23.40 5.39
CA ALA C 4 -5.23 -22.77 6.51
C ALA C 4 -5.67 -21.35 6.11
N LYS C 5 -4.78 -20.36 6.31
CA LYS C 5 -4.96 -18.97 5.80
C LYS C 5 -4.56 -18.94 4.32
N ASP C 6 -3.59 -19.77 3.94
CA ASP C 6 -3.12 -19.94 2.53
C ASP C 6 -4.31 -20.34 1.67
N GLU C 7 -5.20 -21.16 2.21
CA GLU C 7 -6.41 -21.68 1.50
C GLU C 7 -7.27 -20.49 1.04
N ARG C 8 -7.58 -19.57 1.97
CA ARG C 8 -8.45 -18.39 1.69
C ARG C 8 -7.82 -17.55 0.58
N ALA C 9 -6.50 -17.37 0.61
CA ALA C 9 -5.73 -16.58 -0.37
C ALA C 9 -5.77 -17.28 -1.74
N ARG C 10 -5.49 -18.58 -1.76
CA ARG C 10 -5.54 -19.44 -2.97
C ARG C 10 -6.91 -19.28 -3.64
N GLU C 11 -8.00 -19.35 -2.86
CA GLU C 11 -9.40 -19.27 -3.35
C GLU C 11 -9.66 -17.90 -3.95
N ILE C 12 -9.51 -16.84 -3.16
CA ILE C 12 -9.80 -15.43 -3.57
C ILE C 12 -9.14 -15.16 -4.92
N LEU C 13 -7.84 -15.46 -5.01
CA LEU C 13 -6.98 -15.20 -6.19
C LEU C 13 -7.60 -15.83 -7.44
N ARG C 14 -7.78 -17.16 -7.44
CA ARG C 14 -8.26 -17.91 -8.63
C ARG C 14 -9.67 -17.42 -8.99
N GLY C 15 -10.41 -16.88 -8.01
CA GLY C 15 -11.76 -16.32 -8.19
C GLY C 15 -11.73 -14.85 -8.55
N PHE C 16 -10.55 -14.22 -8.45
CA PHE C 16 -10.33 -12.77 -8.73
C PHE C 16 -9.82 -12.59 -10.16
N LYS C 17 -10.10 -11.42 -10.74
CA LYS C 17 -9.70 -11.04 -12.11
C LYS C 17 -9.61 -9.53 -12.21
N LEU C 18 -8.54 -9.00 -12.81
CA LEU C 18 -8.45 -7.57 -13.22
C LEU C 18 -8.88 -7.47 -14.69
N ASN C 19 -10.07 -6.90 -14.93
CA ASN C 19 -10.72 -6.83 -16.27
C ASN C 19 -9.97 -5.82 -17.13
N TRP C 20 -9.88 -4.56 -16.69
CA TRP C 20 -9.16 -3.47 -17.38
C TRP C 20 -8.77 -2.38 -16.37
N MET C 21 -7.86 -1.48 -16.76
CA MET C 21 -7.57 -0.24 -15.99
C MET C 21 -7.19 0.90 -16.94
N ASN C 22 -7.43 2.13 -16.47
CA ASN C 22 -7.42 3.39 -17.27
C ASN C 22 -6.37 4.33 -16.66
N LEU C 23 -5.85 5.27 -17.45
CA LEU C 23 -4.91 6.33 -16.99
C LEU C 23 -5.21 7.65 -17.70
N ARG C 24 -5.84 8.60 -17.00
CA ARG C 24 -6.28 9.91 -17.55
C ARG C 24 -5.61 11.04 -16.79
N ASP C 25 -5.06 12.03 -17.51
CA ASP C 25 -4.47 13.26 -16.93
C ASP C 25 -5.55 14.01 -16.15
N ALA C 26 -5.51 13.93 -14.81
CA ALA C 26 -6.49 14.55 -13.89
C ALA C 26 -6.83 15.97 -14.36
N GLU C 27 -5.82 16.75 -14.75
CA GLU C 27 -5.95 18.16 -15.18
C GLU C 27 -6.84 18.22 -16.43
N THR C 28 -6.41 17.52 -17.49
CA THR C 28 -7.10 17.45 -18.82
C THR C 28 -8.35 16.58 -18.74
N GLY C 29 -8.18 15.30 -18.39
CA GLY C 29 -9.21 14.24 -18.51
C GLY C 29 -8.85 13.27 -19.62
N LYS C 30 -7.92 13.66 -20.49
CA LYS C 30 -7.43 12.88 -21.65
C LYS C 30 -6.88 11.54 -21.16
N ILE C 31 -7.45 10.42 -21.62
CA ILE C 31 -6.97 9.04 -21.33
C ILE C 31 -5.59 8.86 -21.98
N LEU C 32 -4.56 8.60 -21.16
CA LEU C 32 -3.14 8.50 -21.59
C LEU C 32 -2.78 7.04 -21.87
N TRP C 33 -3.50 6.08 -21.25
CA TRP C 33 -3.17 4.65 -21.33
C TRP C 33 -4.32 3.79 -20.81
N GLN C 34 -4.58 2.65 -21.48
CA GLN C 34 -5.61 1.64 -21.08
C GLN C 34 -4.96 0.25 -21.05
N GLY C 35 -5.33 -0.58 -20.07
CA GLY C 35 -4.82 -1.95 -19.91
C GLY C 35 -5.95 -2.95 -20.09
N THR C 36 -5.74 -3.97 -20.92
CA THR C 36 -6.75 -5.02 -21.24
C THR C 36 -6.29 -6.38 -20.69
N GLU C 37 -5.31 -6.36 -19.77
N GLU C 37 -5.34 -6.35 -19.75
CA GLU C 37 -4.64 -7.58 -19.24
CA GLU C 37 -4.64 -7.55 -19.23
C GLU C 37 -4.87 -7.67 -17.72
C GLU C 37 -4.86 -7.66 -17.71
N ASP C 38 -4.90 -8.89 -17.19
CA ASP C 38 -4.94 -9.17 -15.73
C ASP C 38 -3.51 -9.01 -15.19
N LEU C 39 -3.26 -7.94 -14.44
CA LEU C 39 -1.92 -7.53 -13.96
C LEU C 39 -1.79 -7.84 -12.47
N SER C 40 -2.73 -8.62 -11.94
CA SER C 40 -2.71 -9.16 -10.55
C SER C 40 -2.01 -10.53 -10.54
N VAL C 41 -1.67 -11.05 -11.72
CA VAL C 41 -1.14 -12.43 -11.91
C VAL C 41 0.28 -12.50 -11.33
N PRO C 42 0.50 -13.33 -10.29
CA PRO C 42 1.86 -13.53 -9.75
C PRO C 42 2.65 -14.54 -10.60
N GLY C 43 3.96 -14.63 -10.37
CA GLY C 43 4.85 -15.60 -11.02
C GLY C 43 5.13 -15.27 -12.48
N VAL C 44 4.86 -14.02 -12.89
CA VAL C 44 5.22 -13.49 -14.24
C VAL C 44 5.28 -11.96 -14.17
N GLU C 45 6.26 -11.36 -14.85
CA GLU C 45 6.40 -9.89 -14.99
C GLU C 45 5.73 -9.45 -16.29
N HIS C 46 4.80 -8.50 -16.19
CA HIS C 46 4.19 -7.78 -17.34
C HIS C 46 5.06 -6.56 -17.66
N GLU C 47 4.88 -5.97 -18.85
CA GLU C 47 5.53 -4.69 -19.24
C GLU C 47 4.46 -3.70 -19.69
N ALA C 48 4.75 -2.41 -19.60
CA ALA C 48 3.84 -1.31 -20.00
C ALA C 48 4.63 -0.21 -20.72
N ARG C 49 4.19 0.15 -21.93
CA ARG C 49 4.66 1.33 -22.67
C ARG C 49 3.67 2.48 -22.39
N VAL C 50 4.15 3.57 -21.79
CA VAL C 50 3.33 4.75 -21.40
C VAL C 50 3.88 5.99 -22.10
N PRO C 51 3.01 6.88 -22.61
CA PRO C 51 3.46 8.16 -23.16
C PRO C 51 4.27 8.97 -22.14
N LYS C 52 5.49 9.34 -22.50
CA LYS C 52 6.42 10.17 -21.68
C LYS C 52 5.63 11.31 -21.01
N LYS C 53 4.73 11.92 -21.77
CA LYS C 53 3.92 13.11 -21.36
C LYS C 53 3.44 12.95 -19.91
N ILE C 54 3.10 11.72 -19.52
CA ILE C 54 2.48 11.38 -18.21
C ILE C 54 3.33 11.96 -17.06
N LEU C 55 4.65 12.03 -17.25
CA LEU C 55 5.60 12.46 -16.19
C LEU C 55 5.48 13.98 -15.99
N LYS C 56 4.74 14.67 -16.87
CA LYS C 56 4.70 16.16 -16.93
C LYS C 56 3.46 16.70 -16.22
N CYS C 57 2.51 15.83 -15.86
CA CYS C 57 1.24 16.22 -15.18
C CYS C 57 1.41 16.09 -13.65
N LYS C 58 0.77 17.00 -12.90
CA LYS C 58 0.91 17.13 -11.42
C LYS C 58 0.18 15.96 -10.73
N ALA C 59 -0.93 15.49 -11.32
CA ALA C 59 -1.74 14.38 -10.81
C ALA C 59 -2.43 13.63 -11.96
N VAL C 60 -2.66 12.32 -11.80
CA VAL C 60 -3.35 11.45 -12.81
C VAL C 60 -4.40 10.59 -12.12
N SER C 61 -5.53 10.36 -12.79
CA SER C 61 -6.65 9.47 -12.36
C SER C 61 -6.41 8.04 -12.86
N ARG C 62 -6.49 7.06 -11.96
CA ARG C 62 -6.36 5.62 -12.29
C ARG C 62 -7.69 4.91 -11.96
N GLU C 63 -8.38 4.43 -13.00
CA GLU C 63 -9.62 3.61 -12.89
C GLU C 63 -9.26 2.13 -13.01
N LEU C 64 -9.86 1.28 -12.17
CA LEU C 64 -9.74 -0.20 -12.26
C LEU C 64 -11.14 -0.81 -12.24
N ASN C 65 -11.37 -1.78 -13.14
CA ASN C 65 -12.55 -2.68 -13.13
C ASN C 65 -12.04 -4.10 -12.85
N PHE C 66 -12.48 -4.69 -11.75
CA PHE C 66 -12.08 -6.04 -11.30
C PHE C 66 -13.33 -6.80 -10.82
N SER C 67 -13.25 -8.13 -10.86
CA SER C 67 -14.35 -9.06 -10.47
C SER C 67 -13.80 -10.13 -9.52
N SER C 68 -14.44 -10.31 -8.37
CA SER C 68 -14.09 -11.35 -7.36
C SER C 68 -15.30 -12.22 -7.08
N THR C 69 -15.17 -13.53 -7.31
CA THR C 69 -16.17 -14.57 -6.94
C THR C 69 -16.24 -14.64 -5.41
N GLU C 70 -15.08 -14.51 -4.77
CA GLU C 70 -14.93 -14.62 -3.29
C GLU C 70 -15.16 -13.24 -2.63
N GLN C 71 -15.72 -13.25 -1.42
CA GLN C 71 -15.87 -12.06 -0.54
C GLN C 71 -14.48 -11.65 -0.04
N MET C 72 -14.23 -10.34 0.10
CA MET C 72 -13.01 -9.78 0.73
C MET C 72 -13.41 -8.77 1.80
N GLU C 73 -12.95 -8.98 3.04
CA GLU C 73 -13.29 -8.18 4.24
C GLU C 73 -12.88 -6.72 4.04
N LYS C 74 -11.59 -6.48 3.78
CA LYS C 74 -11.03 -5.14 3.51
C LYS C 74 -9.95 -5.25 2.41
N PHE C 75 -10.37 -5.11 1.16
CA PHE C 75 -9.49 -5.17 -0.04
C PHE C 75 -8.72 -3.85 -0.16
N ARG C 76 -7.41 -3.94 -0.37
CA ARG C 76 -6.49 -2.79 -0.47
C ARG C 76 -5.23 -3.19 -1.25
N LEU C 77 -4.58 -2.21 -1.89
CA LEU C 77 -3.32 -2.39 -2.64
C LEU C 77 -2.16 -1.76 -1.87
N GLU C 78 -1.01 -2.43 -1.81
CA GLU C 78 0.28 -1.81 -1.40
C GLU C 78 1.22 -1.82 -2.60
N GLN C 79 1.81 -0.67 -2.93
CA GLN C 79 2.62 -0.49 -4.16
C GLN C 79 3.94 0.20 -3.83
N LYS C 80 5.06 -0.47 -4.15
CA LYS C 80 6.42 0.11 -4.09
C LYS C 80 6.89 0.36 -5.54
N VAL C 81 7.35 1.57 -5.83
CA VAL C 81 7.95 1.91 -7.17
C VAL C 81 9.47 1.90 -7.04
N TYR C 82 10.12 0.98 -7.76
CA TYR C 82 11.58 0.76 -7.75
C TYR C 82 12.21 1.40 -9.00
N PHE C 83 13.29 2.16 -8.82
CA PHE C 83 14.17 2.65 -9.92
C PHE C 83 15.57 2.05 -9.74
N LYS C 84 16.00 1.22 -10.69
CA LYS C 84 17.32 0.54 -10.68
C LYS C 84 17.49 -0.23 -9.37
N GLY C 85 16.43 -0.91 -8.91
CA GLY C 85 16.46 -1.78 -7.72
C GLY C 85 16.15 -1.03 -6.43
N GLN C 86 16.23 0.30 -6.45
CA GLN C 86 15.97 1.17 -5.26
C GLN C 86 14.51 1.62 -5.24
N CYS C 87 13.84 1.44 -4.10
CA CYS C 87 12.43 1.85 -3.85
C CYS C 87 12.38 3.35 -3.54
N LEU C 88 11.64 4.12 -4.35
CA LEU C 88 11.61 5.61 -4.28
C LEU C 88 10.26 6.11 -3.73
N GLU C 89 9.18 5.39 -4.02
CA GLU C 89 7.81 5.71 -3.51
C GLU C 89 7.15 4.43 -3.00
N GLU C 90 6.44 4.52 -1.87
CA GLU C 90 5.50 3.48 -1.39
C GLU C 90 4.13 4.12 -1.17
N TRP C 91 3.07 3.43 -1.62
CA TRP C 91 1.66 3.87 -1.49
C TRP C 91 0.81 2.72 -0.93
N PHE C 92 -0.30 3.08 -0.27
CA PHE C 92 -1.41 2.16 0.05
C PHE C 92 -2.72 2.80 -0.42
N PHE C 93 -3.52 2.05 -1.18
CA PHE C 93 -4.86 2.45 -1.65
C PHE C 93 -5.87 1.42 -1.13
N GLU C 94 -6.93 1.90 -0.45
CA GLU C 94 -7.92 1.02 0.22
C GLU C 94 -9.26 1.14 -0.51
N PHE C 95 -9.83 -0.01 -0.89
CA PHE C 95 -11.16 -0.12 -1.55
C PHE C 95 -12.21 -0.43 -0.48
N GLY C 96 -11.84 -1.26 0.50
CA GLY C 96 -12.72 -1.71 1.59
C GLY C 96 -13.34 -3.06 1.27
N PHE C 97 -14.56 -3.31 1.76
CA PHE C 97 -15.27 -4.61 1.61
C PHE C 97 -15.54 -4.86 0.11
N VAL C 98 -15.41 -6.12 -0.32
CA VAL C 98 -15.76 -6.59 -1.69
C VAL C 98 -16.84 -7.68 -1.58
N ILE C 99 -17.93 -7.52 -2.34
CA ILE C 99 -19.11 -8.43 -2.33
C ILE C 99 -18.80 -9.66 -3.16
N PRO C 100 -19.12 -10.88 -2.68
CA PRO C 100 -18.83 -12.09 -3.45
C PRO C 100 -19.60 -12.11 -4.78
N ASN C 101 -18.90 -12.49 -5.86
CA ASN C 101 -19.46 -12.56 -7.24
C ASN C 101 -19.92 -11.16 -7.67
N SER C 102 -19.16 -10.14 -7.27
CA SER C 102 -19.35 -8.72 -7.68
C SER C 102 -18.36 -8.37 -8.80
N THR C 103 -18.68 -7.33 -9.56
CA THR C 103 -17.76 -6.64 -10.51
C THR C 103 -17.78 -5.14 -10.17
N ASN C 104 -16.65 -4.60 -9.71
CA ASN C 104 -16.57 -3.25 -9.10
C ASN C 104 -15.65 -2.36 -9.93
N THR C 105 -15.92 -1.06 -9.92
CA THR C 105 -15.13 0.00 -10.61
C THR C 105 -14.55 0.94 -9.55
N TRP C 106 -13.24 1.17 -9.59
CA TRP C 106 -12.46 1.89 -8.54
C TRP C 106 -11.50 2.89 -9.20
N GLN C 107 -11.77 4.19 -9.04
CA GLN C 107 -10.96 5.28 -9.66
C GLN C 107 -10.46 6.21 -8.56
N SER C 108 -9.14 6.24 -8.35
CA SER C 108 -8.44 7.09 -7.35
C SER C 108 -7.55 8.11 -8.06
N LEU C 109 -7.15 9.17 -7.35
CA LEU C 109 -6.35 10.30 -7.89
C LEU C 109 -4.97 10.33 -7.21
N ILE C 110 -3.90 10.21 -8.00
CA ILE C 110 -2.49 10.07 -7.53
C ILE C 110 -1.72 11.36 -7.83
N GLU C 111 -0.87 11.80 -6.89
CA GLU C 111 -0.03 13.02 -6.99
C GLU C 111 1.42 12.67 -6.65
N SER C 116 11.49 19.60 -10.16
CA SER C 116 12.70 19.31 -9.34
C SER C 116 12.77 17.82 -9.00
N GLN C 117 11.66 17.29 -8.44
CA GLN C 117 11.57 15.90 -7.89
C GLN C 117 11.87 14.87 -8.98
N MET C 118 11.32 15.04 -10.18
CA MET C 118 11.34 14.02 -11.26
C MET C 118 12.56 14.22 -12.16
N MET C 119 13.02 13.14 -12.81
CA MET C 119 14.21 13.08 -13.70
C MET C 119 13.76 12.73 -15.11
N PRO C 120 14.66 12.82 -16.13
CA PRO C 120 14.28 12.58 -17.53
C PRO C 120 13.69 11.19 -17.79
N ALA C 121 12.74 11.12 -18.73
CA ALA C 121 12.11 9.86 -19.20
C ALA C 121 13.17 8.99 -19.88
N SER C 122 14.16 9.63 -20.51
CA SER C 122 15.32 8.99 -21.18
C SER C 122 15.97 7.96 -20.24
N VAL C 123 16.10 8.31 -18.96
CA VAL C 123 16.84 7.50 -17.95
C VAL C 123 15.86 6.53 -17.27
N LEU C 124 14.62 6.97 -17.01
CA LEU C 124 13.59 6.17 -16.28
C LEU C 124 13.19 4.95 -17.11
N THR C 125 12.89 5.16 -18.40
CA THR C 125 12.36 4.11 -19.32
C THR C 125 13.09 2.79 -19.06
N GLY C 126 12.33 1.74 -18.74
CA GLY C 126 12.83 0.35 -18.56
C GLY C 126 13.61 0.18 -17.27
N ASN C 127 13.65 1.21 -16.42
CA ASN C 127 14.42 1.18 -15.14
C ASN C 127 13.45 1.22 -13.96
N VAL C 128 12.14 1.26 -14.23
CA VAL C 128 11.09 1.43 -13.17
C VAL C 128 10.28 0.12 -13.07
N ILE C 129 10.18 -0.42 -11.85
CA ILE C 129 9.36 -1.63 -11.51
C ILE C 129 8.33 -1.24 -10.46
N ILE C 130 7.06 -1.61 -10.66
CA ILE C 130 5.95 -1.32 -9.70
C ILE C 130 5.44 -2.63 -9.10
N GLU C 131 5.97 -2.99 -7.93
CA GLU C 131 5.53 -4.16 -7.11
C GLU C 131 4.17 -3.81 -6.48
N THR C 132 3.14 -4.60 -6.80
CA THR C 132 1.75 -4.41 -6.30
C THR C 132 1.33 -5.64 -5.49
N LYS C 133 1.14 -5.46 -4.18
CA LYS C 133 0.65 -6.51 -3.26
C LYS C 133 -0.85 -6.32 -3.04
N PHE C 134 -1.65 -7.34 -3.39
CA PHE C 134 -3.12 -7.36 -3.25
C PHE C 134 -3.48 -8.01 -1.90
N PHE C 135 -4.17 -7.26 -1.03
CA PHE C 135 -4.43 -7.66 0.38
C PHE C 135 -5.94 -7.73 0.67
N ASP C 136 -6.31 -8.71 1.51
CA ASP C 136 -7.59 -8.76 2.26
C ASP C 136 -7.28 -8.49 3.72
N ASP C 137 -7.62 -7.29 4.20
CA ASP C 137 -7.18 -6.75 5.52
C ASP C 137 -5.65 -6.74 5.55
N ASP C 138 -5.03 -7.80 6.12
CA ASP C 138 -3.54 -7.96 6.17
C ASP C 138 -3.17 -9.38 5.76
N LEU C 139 -3.95 -9.99 4.85
CA LEU C 139 -3.65 -11.30 4.21
C LEU C 139 -3.17 -11.07 2.77
N LEU C 140 -1.88 -11.31 2.49
CA LEU C 140 -1.30 -11.16 1.14
C LEU C 140 -1.94 -12.20 0.21
N VAL C 141 -2.68 -11.75 -0.82
CA VAL C 141 -3.43 -12.62 -1.77
C VAL C 141 -2.51 -12.95 -2.95
N SER C 142 -1.88 -11.93 -3.54
CA SER C 142 -0.94 -12.07 -4.67
C SER C 142 0.05 -10.89 -4.67
N THR C 143 1.15 -11.07 -5.39
CA THR C 143 2.17 -10.02 -5.62
C THR C 143 2.51 -9.97 -7.11
N SER C 144 2.25 -8.83 -7.76
CA SER C 144 2.50 -8.59 -9.21
C SER C 144 3.57 -7.50 -9.39
N ARG C 145 4.33 -7.56 -10.48
CA ARG C 145 5.45 -6.64 -10.78
C ARG C 145 5.36 -6.24 -12.25
N VAL C 146 5.37 -4.93 -12.54
CA VAL C 146 5.24 -4.41 -13.93
C VAL C 146 6.42 -3.50 -14.25
N ARG C 147 7.19 -3.86 -15.27
CA ARG C 147 8.30 -3.05 -15.83
C ARG C 147 7.69 -1.91 -16.64
N LEU C 148 8.25 -0.70 -16.59
CA LEU C 148 7.63 0.44 -17.31
C LEU C 148 8.61 1.08 -18.29
N PHE C 149 8.09 1.57 -19.41
CA PHE C 149 8.84 2.29 -20.46
C PHE C 149 8.08 3.58 -20.82
N TYR C 150 8.81 4.65 -21.13
CA TYR C 150 8.26 5.99 -21.44
C TYR C 150 8.55 6.31 -22.91
N VAL C 151 7.49 6.41 -23.72
CA VAL C 151 7.56 6.49 -25.22
C VAL C 151 7.06 7.86 -25.69
N LYS D 5 -21.52 24.90 17.36
CA LYS D 5 -21.01 23.50 17.25
C LYS D 5 -20.95 23.10 15.78
N ASP D 6 -19.98 22.27 15.41
CA ASP D 6 -19.78 21.79 14.01
C ASP D 6 -20.25 20.34 13.93
N GLU D 7 -21.53 20.16 13.61
CA GLU D 7 -22.22 18.85 13.53
C GLU D 7 -21.91 18.19 12.18
N ARG D 8 -22.95 17.91 11.39
CA ARG D 8 -22.83 17.28 10.05
C ARG D 8 -23.82 17.92 9.09
N ALA D 9 -24.72 18.76 9.60
CA ALA D 9 -25.74 19.47 8.80
C ALA D 9 -25.06 20.12 7.59
N ARG D 10 -24.69 19.30 6.60
CA ARG D 10 -23.92 19.69 5.40
C ARG D 10 -24.53 20.97 4.79
N GLU D 11 -23.92 22.12 5.08
CA GLU D 11 -24.28 23.42 4.45
C GLU D 11 -24.16 23.28 2.93
N ILE D 12 -23.13 22.56 2.47
CA ILE D 12 -22.79 22.41 1.02
C ILE D 12 -24.03 21.91 0.28
N LEU D 13 -24.70 20.88 0.81
CA LEU D 13 -25.94 20.30 0.24
C LEU D 13 -26.81 21.46 -0.29
N ARG D 14 -26.98 22.51 0.53
CA ARG D 14 -27.73 23.74 0.15
C ARG D 14 -26.94 24.49 -0.93
N GLY D 15 -25.61 24.47 -0.86
CA GLY D 15 -24.70 25.22 -1.75
C GLY D 15 -24.27 24.40 -2.96
N PHE D 16 -24.55 23.09 -2.94
CA PHE D 16 -24.19 22.13 -4.03
C PHE D 16 -25.38 21.96 -4.98
N LYS D 17 -25.10 21.63 -6.25
CA LYS D 17 -26.14 21.34 -7.28
C LYS D 17 -25.53 20.45 -8.38
N LEU D 18 -26.26 19.44 -8.83
CA LEU D 18 -25.94 18.65 -10.04
C LEU D 18 -26.71 19.24 -11.23
N ASN D 19 -25.99 19.86 -12.17
CA ASN D 19 -26.56 20.67 -13.27
C ASN D 19 -27.12 19.73 -14.34
N TRP D 20 -26.29 18.83 -14.88
CA TRP D 20 -26.69 17.85 -15.94
C TRP D 20 -25.71 16.67 -15.96
N MET D 21 -26.04 15.64 -16.73
CA MET D 21 -25.22 14.39 -16.84
C MET D 21 -25.41 13.76 -18.23
N ASN D 22 -24.31 13.26 -18.81
CA ASN D 22 -24.25 12.67 -20.17
C ASN D 22 -23.99 11.16 -20.08
N LEU D 23 -24.34 10.43 -21.15
CA LEU D 23 -23.96 9.02 -21.37
C LEU D 23 -23.71 8.83 -22.87
N ARG D 24 -22.45 8.68 -23.28
CA ARG D 24 -22.04 8.52 -24.69
C ARG D 24 -21.28 7.21 -24.88
N ASP D 25 -21.44 6.57 -26.04
CA ASP D 25 -20.64 5.38 -26.46
C ASP D 25 -19.18 5.82 -26.59
N ALA D 26 -18.35 5.47 -25.60
CA ALA D 26 -16.93 5.86 -25.52
C ALA D 26 -16.27 5.73 -26.90
N GLU D 27 -16.58 4.65 -27.62
CA GLU D 27 -16.02 4.34 -28.97
C GLU D 27 -16.33 5.48 -29.95
N THR D 28 -17.62 5.68 -30.25
CA THR D 28 -18.11 6.68 -31.24
C THR D 28 -18.17 8.07 -30.59
N GLY D 29 -18.87 8.18 -29.45
CA GLY D 29 -19.11 9.46 -28.76
C GLY D 29 -20.57 9.87 -28.84
N LYS D 30 -21.37 9.13 -29.61
CA LYS D 30 -22.83 9.37 -29.79
C LYS D 30 -23.52 9.36 -28.43
N ILE D 31 -24.20 10.47 -28.08
CA ILE D 31 -24.95 10.63 -26.80
C ILE D 31 -26.10 9.62 -26.75
N LEU D 32 -26.11 8.77 -25.71
CA LEU D 32 -27.14 7.73 -25.50
C LEU D 32 -28.20 8.24 -24.51
N TRP D 33 -27.86 9.24 -23.69
CA TRP D 33 -28.77 9.79 -22.64
C TRP D 33 -28.26 11.12 -22.08
N GLN D 34 -29.18 12.06 -21.85
CA GLN D 34 -28.94 13.38 -21.20
C GLN D 34 -30.01 13.62 -20.13
N GLY D 35 -29.62 14.24 -19.01
CA GLY D 35 -30.51 14.51 -17.86
C GLY D 35 -30.24 15.86 -17.23
N THR D 36 -31.24 16.75 -17.25
CA THR D 36 -31.20 18.10 -16.62
C THR D 36 -31.81 18.03 -15.21
N GLU D 37 -32.56 16.97 -14.93
CA GLU D 37 -33.23 16.75 -13.60
C GLU D 37 -32.16 16.52 -12.53
N ASP D 38 -32.39 17.03 -11.32
CA ASP D 38 -31.42 17.01 -10.19
C ASP D 38 -31.51 15.66 -9.48
N LEU D 39 -30.45 14.84 -9.60
CA LEU D 39 -30.38 13.48 -9.03
C LEU D 39 -29.47 13.48 -7.81
N SER D 40 -29.04 14.66 -7.35
CA SER D 40 -28.26 14.86 -6.10
C SER D 40 -29.23 15.03 -4.93
N VAL D 41 -30.37 15.68 -5.19
CA VAL D 41 -31.45 15.94 -4.19
C VAL D 41 -31.97 14.60 -3.68
N PRO D 42 -31.85 14.33 -2.35
CA PRO D 42 -32.33 13.08 -1.76
C PRO D 42 -33.84 13.05 -1.55
N GLY D 43 -34.30 12.17 -0.64
CA GLY D 43 -35.72 12.04 -0.25
C GLY D 43 -36.52 11.29 -1.30
N VAL D 44 -36.77 11.92 -2.44
CA VAL D 44 -37.55 11.35 -3.59
C VAL D 44 -36.67 10.34 -4.33
N GLU D 45 -37.25 9.23 -4.80
CA GLU D 45 -36.59 8.29 -5.75
C GLU D 45 -36.96 8.73 -7.17
N HIS D 46 -35.95 9.07 -7.98
CA HIS D 46 -36.08 9.48 -9.41
C HIS D 46 -36.10 8.23 -10.28
N GLU D 47 -36.44 8.39 -11.57
CA GLU D 47 -36.39 7.30 -12.58
C GLU D 47 -35.65 7.82 -13.81
N ALA D 48 -35.16 6.90 -14.66
CA ALA D 48 -34.42 7.21 -15.90
C ALA D 48 -34.77 6.18 -16.98
N ARG D 49 -35.13 6.68 -18.17
CA ARG D 49 -35.43 5.85 -19.36
C ARG D 49 -34.22 5.91 -20.30
N VAL D 50 -33.49 4.80 -20.45
CA VAL D 50 -32.23 4.71 -21.25
C VAL D 50 -32.45 3.81 -22.46
N PRO D 51 -31.95 4.20 -23.65
CA PRO D 51 -31.98 3.32 -24.82
C PRO D 51 -31.28 1.97 -24.54
N LYS D 52 -31.98 0.87 -24.80
CA LYS D 52 -31.52 -0.52 -24.51
C LYS D 52 -30.16 -0.75 -25.19
N LYS D 53 -29.88 -0.06 -26.29
CA LYS D 53 -28.62 -0.20 -27.07
C LYS D 53 -27.41 -0.05 -26.15
N ILE D 54 -27.55 0.72 -25.06
CA ILE D 54 -26.42 1.01 -24.11
C ILE D 54 -25.84 -0.32 -23.59
N LEU D 55 -26.68 -1.35 -23.47
CA LEU D 55 -26.27 -2.69 -22.96
C LEU D 55 -25.38 -3.39 -23.98
N LYS D 56 -25.40 -2.93 -25.25
CA LYS D 56 -24.56 -3.47 -26.33
C LYS D 56 -23.21 -2.74 -26.34
N CYS D 57 -23.20 -1.47 -25.91
CA CYS D 57 -21.97 -0.64 -25.78
C CYS D 57 -21.07 -1.23 -24.69
N LYS D 58 -19.87 -1.67 -25.05
CA LYS D 58 -18.85 -2.18 -24.09
C LYS D 58 -18.22 -1.01 -23.34
N ALA D 59 -18.06 0.11 -24.05
CA ALA D 59 -17.39 1.35 -23.56
C ALA D 59 -18.42 2.48 -23.47
N VAL D 60 -18.86 2.80 -22.24
CA VAL D 60 -19.82 3.92 -21.96
C VAL D 60 -19.14 4.93 -21.04
N SER D 61 -19.24 6.22 -21.40
CA SER D 61 -18.66 7.37 -20.65
C SER D 61 -19.75 8.14 -19.91
N ARG D 62 -19.47 8.56 -18.68
N ARG D 62 -19.48 8.57 -18.67
CA ARG D 62 -20.41 9.31 -17.80
CA ARG D 62 -20.41 9.31 -17.80
C ARG D 62 -19.81 10.70 -17.50
C ARG D 62 -19.82 10.69 -17.47
N GLU D 63 -20.39 11.75 -18.06
CA GLU D 63 -19.98 13.16 -17.79
C GLU D 63 -20.95 13.79 -16.79
N LEU D 64 -20.43 14.47 -15.77
CA LEU D 64 -21.24 15.24 -14.79
C LEU D 64 -20.77 16.69 -14.78
N ASN D 65 -21.71 17.63 -14.88
CA ASN D 65 -21.49 19.08 -14.59
C ASN D 65 -22.22 19.41 -13.30
N PHE D 66 -21.47 19.85 -12.28
CA PHE D 66 -21.99 20.22 -10.93
C PHE D 66 -21.39 21.57 -10.53
N SER D 67 -22.05 22.26 -9.59
CA SER D 67 -21.61 23.55 -9.02
C SER D 67 -21.63 23.47 -7.50
N SER D 68 -20.56 23.93 -6.84
CA SER D 68 -20.47 24.01 -5.36
C SER D 68 -20.06 25.42 -4.94
N THR D 69 -20.87 26.06 -4.09
CA THR D 69 -20.58 27.36 -3.43
C THR D 69 -19.40 27.18 -2.47
N GLU D 70 -19.38 26.04 -1.76
CA GLU D 70 -18.40 25.73 -0.69
C GLU D 70 -17.19 25.01 -1.31
N GLN D 71 -16.04 25.10 -0.65
CA GLN D 71 -14.80 24.37 -1.05
C GLN D 71 -14.91 22.92 -0.54
N MET D 72 -14.41 21.95 -1.33
CA MET D 72 -14.30 20.53 -0.91
C MET D 72 -12.88 20.02 -1.21
N GLU D 73 -12.25 19.40 -0.20
CA GLU D 73 -10.82 18.97 -0.25
C GLU D 73 -10.69 17.78 -1.20
N LYS D 74 -11.47 16.72 -0.98
CA LYS D 74 -11.51 15.52 -1.87
C LYS D 74 -12.97 15.09 -2.09
N PHE D 75 -13.64 15.70 -3.07
CA PHE D 75 -15.01 15.34 -3.50
C PHE D 75 -14.95 14.06 -4.35
N ARG D 76 -15.82 13.09 -4.07
CA ARG D 76 -15.90 11.82 -4.83
C ARG D 76 -17.23 11.11 -4.57
N LEU D 77 -17.59 10.17 -5.44
CA LEU D 77 -18.89 9.45 -5.42
C LEU D 77 -18.69 7.99 -4.97
N GLU D 78 -19.63 7.49 -4.16
CA GLU D 78 -19.79 6.05 -3.83
C GLU D 78 -21.15 5.61 -4.39
N GLN D 79 -21.15 4.63 -5.31
CA GLN D 79 -22.36 4.19 -6.05
C GLN D 79 -22.52 2.67 -5.94
N LYS D 80 -23.62 2.25 -5.32
CA LYS D 80 -24.02 0.81 -5.24
C LYS D 80 -25.06 0.53 -6.33
N VAL D 81 -24.83 -0.54 -7.12
CA VAL D 81 -25.76 -0.99 -8.20
C VAL D 81 -26.59 -2.15 -7.65
N TYR D 82 -27.91 -1.94 -7.49
CA TYR D 82 -28.87 -2.92 -6.93
C TYR D 82 -29.65 -3.58 -8.07
N PHE D 83 -29.72 -4.92 -8.08
CA PHE D 83 -30.55 -5.72 -9.00
C PHE D 83 -31.52 -6.61 -8.21
N LYS D 84 -32.82 -6.42 -8.43
CA LYS D 84 -33.91 -7.10 -7.67
C LYS D 84 -33.65 -6.89 -6.17
N GLY D 85 -33.26 -5.67 -5.78
CA GLY D 85 -33.06 -5.26 -4.38
C GLY D 85 -31.65 -5.56 -3.87
N GLN D 86 -30.98 -6.56 -4.45
CA GLN D 86 -29.64 -7.04 -4.01
C GLN D 86 -28.55 -6.19 -4.67
N CYS D 87 -27.54 -5.74 -3.90
CA CYS D 87 -26.37 -4.97 -4.41
C CYS D 87 -25.34 -5.94 -4.99
N LEU D 88 -25.00 -5.79 -6.28
CA LEU D 88 -24.11 -6.71 -7.02
C LEU D 88 -22.81 -5.99 -7.40
N GLU D 89 -22.86 -4.68 -7.60
CA GLU D 89 -21.70 -3.86 -8.04
C GLU D 89 -21.52 -2.66 -7.10
N GLU D 90 -20.26 -2.30 -6.84
CA GLU D 90 -19.85 -1.04 -6.16
C GLU D 90 -18.97 -0.23 -7.13
N TRP D 91 -19.19 1.08 -7.19
CA TRP D 91 -18.39 2.02 -8.01
C TRP D 91 -17.88 3.16 -7.12
N PHE D 92 -16.58 3.42 -7.14
CA PHE D 92 -15.93 4.51 -6.38
C PHE D 92 -15.17 5.40 -7.37
N PHE D 93 -15.54 6.69 -7.42
CA PHE D 93 -14.99 7.70 -8.35
C PHE D 93 -14.46 8.89 -7.56
N GLU D 94 -13.25 9.33 -7.89
CA GLU D 94 -12.50 10.43 -7.23
C GLU D 94 -12.40 11.60 -8.20
N PHE D 95 -12.85 12.79 -7.80
CA PHE D 95 -12.63 14.05 -8.56
C PHE D 95 -11.49 14.84 -7.91
N GLY D 96 -11.48 14.83 -6.57
CA GLY D 96 -10.48 15.54 -5.76
C GLY D 96 -10.98 16.91 -5.32
N PHE D 97 -10.08 17.90 -5.31
CA PHE D 97 -10.34 19.28 -4.82
C PHE D 97 -11.35 19.97 -5.75
N VAL D 98 -12.26 20.75 -5.16
CA VAL D 98 -13.21 21.63 -5.91
C VAL D 98 -13.15 23.03 -5.30
N ILE D 99 -12.98 24.04 -6.16
CA ILE D 99 -12.80 25.48 -5.79
C ILE D 99 -14.16 26.06 -5.42
N PRO D 100 -14.27 26.82 -4.30
CA PRO D 100 -15.54 27.36 -3.85
C PRO D 100 -16.18 28.28 -4.91
N ASN D 101 -17.49 28.11 -5.13
CA ASN D 101 -18.30 28.92 -6.07
C ASN D 101 -17.85 28.62 -7.51
N SER D 102 -17.29 27.44 -7.75
CA SER D 102 -16.88 26.95 -9.10
C SER D 102 -17.95 25.97 -9.61
N THR D 103 -18.08 25.86 -10.94
CA THR D 103 -18.94 24.85 -11.62
C THR D 103 -18.03 24.05 -12.57
N ASN D 104 -17.83 22.77 -12.25
CA ASN D 104 -16.80 21.89 -12.88
C ASN D 104 -17.49 20.77 -13.67
N THR D 105 -16.81 20.27 -14.70
CA THR D 105 -17.23 19.07 -15.49
C THR D 105 -16.31 17.89 -15.12
N TRP D 106 -16.90 16.72 -14.90
CA TRP D 106 -16.21 15.49 -14.43
C TRP D 106 -16.65 14.29 -15.27
N GLN D 107 -15.73 13.75 -16.07
CA GLN D 107 -15.99 12.64 -17.02
C GLN D 107 -15.21 11.39 -16.58
N SER D 108 -15.91 10.27 -16.35
CA SER D 108 -15.29 8.95 -16.11
C SER D 108 -15.99 7.87 -16.93
N LEU D 109 -15.34 6.71 -17.08
CA LEU D 109 -15.90 5.51 -17.75
C LEU D 109 -16.39 4.54 -16.68
N ILE D 110 -17.31 3.63 -17.05
CA ILE D 110 -17.95 2.67 -16.10
C ILE D 110 -18.24 1.37 -16.84
N GLU D 111 -18.34 0.26 -16.08
CA GLU D 111 -18.65 -1.10 -16.58
C GLU D 111 -18.87 -2.04 -15.40
N MET D 118 -24.33 -8.93 -20.59
CA MET D 118 -24.45 -10.18 -19.79
C MET D 118 -25.93 -10.55 -19.65
N MET D 119 -26.71 -9.75 -18.93
CA MET D 119 -28.18 -9.95 -18.77
C MET D 119 -28.91 -9.14 -19.83
N PRO D 120 -30.04 -9.66 -20.38
CA PRO D 120 -30.79 -8.95 -21.41
C PRO D 120 -31.64 -7.81 -20.85
N ALA D 121 -32.07 -6.90 -21.73
CA ALA D 121 -32.85 -5.68 -21.39
C ALA D 121 -34.15 -6.07 -20.71
N SER D 122 -34.79 -7.14 -21.17
CA SER D 122 -36.11 -7.63 -20.69
C SER D 122 -36.11 -7.77 -19.17
N VAL D 123 -35.01 -8.29 -18.60
CA VAL D 123 -34.92 -8.65 -17.16
C VAL D 123 -34.40 -7.45 -16.36
N LEU D 124 -33.51 -6.65 -16.95
CA LEU D 124 -32.86 -5.51 -16.24
C LEU D 124 -33.86 -4.35 -16.07
N THR D 125 -34.55 -3.98 -17.15
CA THR D 125 -35.47 -2.80 -17.18
C THR D 125 -36.29 -2.77 -15.89
N GLY D 126 -36.22 -1.66 -15.15
CA GLY D 126 -37.00 -1.39 -13.93
C GLY D 126 -36.57 -2.25 -12.76
N ASN D 127 -35.50 -3.04 -12.90
CA ASN D 127 -35.01 -3.98 -11.86
C ASN D 127 -33.68 -3.50 -11.28
N VAL D 128 -33.17 -2.37 -11.78
CA VAL D 128 -31.83 -1.85 -11.38
C VAL D 128 -31.99 -0.47 -10.71
N ILE D 129 -31.39 -0.33 -9.53
CA ILE D 129 -31.34 0.94 -8.73
C ILE D 129 -29.88 1.35 -8.57
N ILE D 130 -29.56 2.63 -8.80
CA ILE D 130 -28.20 3.22 -8.60
C ILE D 130 -28.24 4.16 -7.38
N GLU D 131 -27.90 3.64 -6.20
CA GLU D 131 -27.73 4.45 -4.96
C GLU D 131 -26.41 5.23 -5.09
N THR D 132 -26.48 6.56 -5.03
CA THR D 132 -25.32 7.47 -5.23
C THR D 132 -25.11 8.32 -3.95
N LYS D 133 -23.94 8.19 -3.32
CA LYS D 133 -23.53 8.99 -2.14
C LYS D 133 -22.40 9.95 -2.55
N PHE D 134 -22.64 11.26 -2.43
CA PHE D 134 -21.64 12.33 -2.70
C PHE D 134 -20.90 12.64 -1.38
N PHE D 135 -19.58 12.47 -1.39
CA PHE D 135 -18.69 12.59 -0.20
C PHE D 135 -17.60 13.63 -0.45
N ASP D 136 -17.34 14.48 0.57
CA ASP D 136 -16.08 15.27 0.68
C ASP D 136 -15.17 14.61 1.73
N ASP D 137 -14.08 13.98 1.28
CA ASP D 137 -13.08 13.33 2.17
C ASP D 137 -13.79 12.71 3.38
N ASP D 138 -14.69 11.77 3.13
CA ASP D 138 -15.34 10.89 4.15
C ASP D 138 -16.31 11.71 5.02
N LEU D 139 -16.96 12.72 4.41
CA LEU D 139 -18.16 13.41 4.97
C LEU D 139 -19.31 13.27 3.96
N LEU D 140 -20.29 12.42 4.27
CA LEU D 140 -21.50 12.18 3.42
C LEU D 140 -22.29 13.49 3.27
N VAL D 141 -22.40 14.00 2.05
CA VAL D 141 -23.10 15.29 1.73
C VAL D 141 -24.55 14.98 1.38
N SER D 142 -24.78 14.03 0.47
CA SER D 142 -26.12 13.67 -0.07
C SER D 142 -26.18 12.18 -0.43
N THR D 143 -27.38 11.59 -0.34
CA THR D 143 -27.69 10.19 -0.76
C THR D 143 -28.90 10.21 -1.69
N SER D 144 -28.73 9.79 -2.94
CA SER D 144 -29.80 9.74 -3.98
C SER D 144 -29.93 8.33 -4.55
N ARG D 145 -31.14 7.97 -4.99
CA ARG D 145 -31.43 6.67 -5.66
C ARG D 145 -32.18 6.94 -6.98
N VAL D 146 -31.80 6.23 -8.03
CA VAL D 146 -32.45 6.30 -9.38
C VAL D 146 -32.75 4.88 -9.87
N ARG D 147 -33.99 4.65 -10.27
CA ARG D 147 -34.45 3.37 -10.90
C ARG D 147 -34.26 3.51 -12.41
N LEU D 148 -33.68 2.48 -13.05
CA LEU D 148 -33.32 2.51 -14.50
C LEU D 148 -34.27 1.63 -15.31
N PHE D 149 -34.70 2.15 -16.45
CA PHE D 149 -35.51 1.41 -17.47
C PHE D 149 -34.77 1.42 -18.81
N TYR D 150 -34.90 0.34 -19.57
CA TYR D 150 -34.21 0.12 -20.87
C TYR D 150 -35.27 0.06 -21.97
N VAL D 151 -35.39 1.14 -22.74
CA VAL D 151 -36.46 1.37 -23.75
C VAL D 151 -35.84 1.29 -25.16
C1 EDO E . 1.18 25.20 12.20
O1 EDO E . 2.55 24.93 11.94
C2 EDO E . 0.39 25.41 10.96
O2 EDO E . -1.01 25.39 11.20
C1 9VO F . 0.10 9.50 19.00
C2 9VO F . 1.28 9.33 18.28
C3 9VO F . -0.73 8.41 19.21
C4 9VO F . -0.37 7.17 18.70
C5 9VO F . 0.81 7.02 17.99
C8 9VO F . 2.19 5.00 18.15
C11 9VO F . 0.16 1.90 18.10
C12 9VO F . 0.78 1.17 19.11
C13 9VO F . 1.85 1.72 19.80
C14 9VO F . 2.31 2.99 19.47
N6 9VO F . 1.62 8.07 17.78
C10 9VO F . 0.63 3.16 17.77
C9 9VO F . 1.70 3.72 18.46
N7 9VO F . 1.14 5.82 17.51
S SO4 G . 6.94 -4.47 4.13
O1 SO4 G . 7.95 -5.14 4.90
O2 SO4 G . 6.59 -5.27 2.99
O3 SO4 G . 5.77 -4.25 4.94
O4 SO4 G . 7.45 -3.21 3.68
C1 9VO H . 28.77 -5.15 3.48
C2 9VO H . 27.76 -4.67 2.64
C3 9VO H . 28.49 -6.18 4.36
C4 9VO H . 27.21 -6.73 4.39
C5 9VO H . 26.23 -6.22 3.55
C8 9VO H . 24.24 -7.14 2.42
C11 9VO H . 23.82 -10.63 3.52
C12 9VO H . 23.75 -11.27 2.29
C13 9VO H . 23.84 -10.54 1.11
C14 9VO H . 24.01 -9.16 1.17
N6 9VO H . 26.49 -5.23 2.69
C10 9VO H . 23.98 -9.25 3.56
C9 9VO H . 24.08 -8.51 2.39
N7 9VO H . 25.01 -6.76 3.62
C1 9VO I . 22.29 -2.23 0.12
C2 9VO I . 21.96 -1.11 -0.65
C3 9VO I . 23.09 -2.08 1.23
C4 9VO I . 23.56 -0.82 1.57
C5 9VO I . 23.23 0.28 0.80
C8 9VO I . 24.47 1.67 2.38
C11 9VO I . 24.04 4.21 4.99
C12 9VO I . 23.35 5.19 4.30
C13 9VO I . 23.02 5.00 2.96
C14 9VO I . 23.40 3.83 2.31
N6 9VO I . 22.45 0.15 -0.29
C10 9VO I . 24.41 3.03 4.34
C9 9VO I . 24.09 2.84 3.00
N7 9VO I . 23.69 1.48 1.13
C1 9VO J . 1.15 1.45 -15.38
C2 9VO J . 1.32 2.24 -14.25
C3 9VO J . 0.55 0.20 -15.27
C4 9VO J . 0.14 -0.23 -14.02
C5 9VO J . 0.32 0.58 -12.90
C8 9VO J . 0.19 -1.21 -11.24
C11 9VO J . -2.32 -3.88 -11.23
C12 9VO J . -3.41 -3.21 -10.67
C13 9VO J . -3.29 -1.87 -10.31
C14 9VO J . -2.09 -1.21 -10.51
N6 9VO J . 0.89 1.78 -13.00
C10 9VO J . -1.11 -3.21 -11.42
C9 9VO J . -1.01 -1.88 -11.06
N7 9VO J . -0.09 0.15 -11.71
C1 9VO K . -28.33 6.97 -16.25
C2 9VO K . -27.35 6.08 -15.81
C3 9VO K . -28.91 7.86 -15.34
C4 9VO K . -28.50 7.85 -14.02
C5 9VO K . -27.51 6.96 -13.59
C8 9VO K . -27.47 7.93 -11.31
C11 9VO K . -25.32 10.66 -12.50
C12 9VO K . -24.70 11.06 -11.32
C13 9VO K . -25.02 10.41 -10.13
C14 9VO K . -25.93 9.36 -10.13
N6 9VO K . -26.96 6.10 -14.47
C10 9VO K . -26.23 9.62 -12.51
C9 9VO K . -26.55 8.97 -11.32
N7 9VO K . -27.10 6.93 -12.32
#